data_1T1Y
#
_entry.id   1T1Y
#
_cell.length_a   56.050
_cell.length_b   79.610
_cell.length_c   57.720
_cell.angle_alpha   90.00
_cell.angle_beta   116.44
_cell.angle_gamma   90.00
#
_symmetry.space_group_name_H-M   'P 1 21 1'
#
loop_
_entity.id
_entity.type
_entity.pdbx_description
1 polymer 'HLA class I histocompatibility antigen, A-2 alpha chain'
2 polymer Beta-2-microglobulin
3 polymer 'GAG PEPTIDE'
4 water water
#
loop_
_entity_poly.entity_id
_entity_poly.type
_entity_poly.pdbx_seq_one_letter_code
_entity_poly.pdbx_strand_id
1 'polypeptide(L)'
;GSHSMRYFFTSVSRPGRGEPRFIAVGYVDDTQFVRFDSDAASQRMEPRAPWIEQEGPEYWDGETRKVKAHSQTHRVDLGT
LRGYYNQSEAGSHTVQRMYGCDVGSDWRFLRGYHQYAYDGKDYIALKEDLRSWTAADMAAQTTKHKWEAAHVAEQLRAYL
EGTCVEWLRRYLENGKETLQRTDAPKTHMTHHAVSDHEATLRCWALSFYPAEITLTWQRDGEDQTQDTELVETRPAGDGT
FQKWAAVVVPSGQEQRYTCHVQHEGLPKPLTLRWE
;
A
2 'polypeptide(L)'
;IQRTPKIQVYSRHPAENGKSNFLNCYVSGFHPSDIEVDLLKNGERIEKVEHSDLSFSKDWSFYLLYYTEFTPTEKDEYAC
RVNHVTLSQPKIVKWDRDM
;
B
3 'polypeptide(L)' SLYNVVATL C
#
# COMPACT_ATOMS: atom_id res chain seq x y z
N GLY A 1 -10.43 7.11 -16.67
CA GLY A 1 -11.53 6.44 -15.94
C GLY A 1 -11.28 4.95 -15.81
N SER A 2 -10.02 4.53 -15.91
CA SER A 2 -9.70 3.11 -15.80
C SER A 2 -9.81 2.64 -14.34
N HIS A 3 -9.98 1.34 -14.14
CA HIS A 3 -10.12 0.79 -12.78
C HIS A 3 -9.39 -0.53 -12.69
N SER A 4 -9.14 -0.99 -11.47
CA SER A 4 -8.47 -2.27 -11.33
C SER A 4 -8.93 -3.05 -10.11
N MET A 5 -8.69 -4.36 -10.17
CA MET A 5 -8.96 -5.25 -9.04
C MET A 5 -7.65 -5.99 -8.84
N ARG A 6 -7.18 -6.04 -7.61
CA ARG A 6 -5.92 -6.71 -7.30
C ARG A 6 -5.95 -7.46 -5.99
N TYR A 7 -5.32 -8.63 -5.97
CA TYR A 7 -5.21 -9.43 -4.77
C TYR A 7 -3.74 -9.57 -4.43
N PHE A 8 -3.41 -9.35 -3.16
CA PHE A 8 -2.04 -9.46 -2.66
C PHE A 8 -1.98 -10.53 -1.59
N PHE A 9 -1.00 -11.42 -1.71
CA PHE A 9 -0.81 -12.52 -0.77
C PHE A 9 0.61 -12.55 -0.25
N THR A 10 0.75 -12.72 1.06
CA THR A 10 2.07 -12.82 1.71
C THR A 10 2.08 -14.01 2.68
N SER A 11 3.06 -14.90 2.54
CA SER A 11 3.23 -16.06 3.44
C SER A 11 4.67 -16.05 3.98
N VAL A 12 4.81 -16.15 5.30
CA VAL A 12 6.13 -16.13 5.94
C VAL A 12 6.29 -17.41 6.75
N SER A 13 7.32 -18.19 6.44
CA SER A 13 7.55 -19.43 7.18
C SER A 13 8.01 -19.13 8.61
N ARG A 14 7.70 -20.03 9.52
CA ARG A 14 8.06 -19.87 10.92
C ARG A 14 8.70 -21.18 11.36
N PRO A 15 9.98 -21.38 11.01
CA PRO A 15 10.70 -22.61 11.36
C PRO A 15 10.66 -23.07 12.83
N GLY A 16 10.56 -22.14 13.77
CA GLY A 16 10.54 -22.53 15.17
C GLY A 16 9.33 -23.39 15.56
N ARG A 17 8.18 -23.12 14.96
CA ARG A 17 6.98 -23.90 15.25
C ARG A 17 5.79 -23.51 14.38
N GLY A 18 5.04 -24.51 13.91
CA GLY A 18 3.84 -24.23 13.15
C GLY A 18 3.91 -23.87 11.68
N GLU A 19 2.77 -23.45 11.14
CA GLU A 19 2.65 -23.08 9.73
C GLU A 19 2.95 -21.63 9.47
N PRO A 20 3.16 -21.29 8.18
CA PRO A 20 3.46 -19.92 7.81
C PRO A 20 2.35 -18.96 8.20
N ARG A 21 2.73 -17.71 8.44
CA ARG A 21 1.75 -16.66 8.70
C ARG A 21 1.30 -16.32 7.27
N PHE A 22 -0.01 -16.27 7.03
CA PHE A 22 -0.55 -15.96 5.70
C PHE A 22 -1.53 -14.78 5.81
N ILE A 23 -1.36 -13.78 4.95
CA ILE A 23 -2.21 -12.59 4.95
C ILE A 23 -2.59 -12.27 3.51
N ALA A 24 -3.89 -12.20 3.23
CA ALA A 24 -4.34 -11.85 1.90
C ALA A 24 -5.25 -10.63 1.99
N VAL A 25 -5.12 -9.73 1.03
CA VAL A 25 -5.97 -8.55 1.01
C VAL A 25 -6.40 -8.36 -0.42
N GLY A 26 -7.60 -7.83 -0.59
CA GLY A 26 -8.13 -7.57 -1.92
C GLY A 26 -8.41 -6.09 -2.01
N TYR A 27 -8.19 -5.51 -3.18
CA TYR A 27 -8.41 -4.09 -3.42
C TYR A 27 -9.14 -3.81 -4.71
N VAL A 28 -9.92 -2.72 -4.74
CA VAL A 28 -10.52 -2.24 -5.99
C VAL A 28 -9.91 -0.83 -6.02
N ASP A 29 -9.13 -0.56 -7.06
CA ASP A 29 -8.38 0.71 -7.17
C ASP A 29 -7.62 0.89 -5.85
N ASP A 30 -7.78 2.01 -5.16
CA ASP A 30 -7.06 2.20 -3.90
C ASP A 30 -7.91 1.87 -2.66
N THR A 31 -8.95 1.08 -2.83
CA THR A 31 -9.85 0.71 -1.72
C THR A 31 -9.75 -0.77 -1.35
N GLN A 32 -9.31 -1.08 -0.13
CA GLN A 32 -9.24 -2.48 0.30
C GLN A 32 -10.69 -2.93 0.57
N PHE A 33 -11.08 -4.12 0.11
CA PHE A 33 -12.44 -4.57 0.36
C PHE A 33 -12.56 -5.91 1.09
N VAL A 34 -11.52 -6.75 1.08
CA VAL A 34 -11.54 -8.02 1.83
C VAL A 34 -10.17 -8.33 2.42
N ARG A 35 -10.15 -9.27 3.36
CA ARG A 35 -8.90 -9.71 3.92
C ARG A 35 -9.06 -11.08 4.56
N PHE A 36 -7.91 -11.72 4.76
CA PHE A 36 -7.82 -13.00 5.42
C PHE A 36 -6.50 -12.97 6.15
N ASP A 37 -6.52 -13.31 7.43
CA ASP A 37 -5.28 -13.36 8.21
C ASP A 37 -5.30 -14.69 8.96
N SER A 38 -4.36 -15.55 8.63
CA SER A 38 -4.28 -16.86 9.27
C SER A 38 -4.20 -16.78 10.79
N ASP A 39 -3.83 -15.62 11.34
CA ASP A 39 -3.74 -15.44 12.80
C ASP A 39 -5.06 -14.97 13.42
N ALA A 40 -6.05 -14.65 12.58
CA ALA A 40 -7.33 -14.18 13.08
C ALA A 40 -8.21 -15.35 13.51
N ALA A 41 -9.16 -15.06 14.39
CA ALA A 41 -10.06 -16.05 14.94
C ALA A 41 -11.12 -16.59 13.95
N SER A 42 -11.58 -15.76 13.04
CA SER A 42 -12.61 -16.23 12.13
C SER A 42 -12.22 -17.34 11.15
N GLN A 43 -10.97 -17.31 10.68
CA GLN A 43 -10.50 -18.27 9.70
C GLN A 43 -11.40 -18.16 8.47
N ARG A 44 -11.90 -16.95 8.24
CA ARG A 44 -12.74 -16.70 7.08
C ARG A 44 -12.31 -15.43 6.35
N MET A 45 -12.63 -15.34 5.07
CA MET A 45 -12.35 -14.14 4.33
C MET A 45 -13.32 -13.16 5.00
N GLU A 46 -12.86 -11.93 5.26
CA GLU A 46 -13.71 -10.92 5.94
C GLU A 46 -13.83 -9.63 5.14
N PRO A 47 -14.98 -8.94 5.29
CA PRO A 47 -15.19 -7.67 4.58
C PRO A 47 -14.42 -6.51 5.19
N ARG A 48 -13.99 -5.58 4.33
CA ARG A 48 -13.27 -4.40 4.80
C ARG A 48 -13.84 -3.14 4.16
N ALA A 49 -14.94 -3.30 3.43
CA ALA A 49 -15.62 -2.17 2.81
C ALA A 49 -17.12 -2.46 2.87
N PRO A 50 -17.94 -1.43 3.18
CA PRO A 50 -19.39 -1.59 3.28
C PRO A 50 -20.06 -2.25 2.10
N TRP A 51 -19.70 -1.83 0.88
CA TRP A 51 -20.29 -2.37 -0.33
C TRP A 51 -20.05 -3.86 -0.61
N ILE A 52 -19.09 -4.49 0.07
CA ILE A 52 -18.88 -5.91 -0.21
C ILE A 52 -19.79 -6.73 0.72
N GLU A 53 -20.27 -6.08 1.78
CA GLU A 53 -21.15 -6.76 2.73
C GLU A 53 -22.46 -7.17 2.08
N GLN A 54 -22.74 -6.64 0.89
CA GLN A 54 -23.96 -6.98 0.15
C GLN A 54 -23.93 -8.43 -0.33
N GLU A 55 -22.73 -8.96 -0.58
CA GLU A 55 -22.61 -10.33 -1.04
C GLU A 55 -23.18 -11.30 -0.01
N GLY A 56 -23.85 -12.34 -0.50
CA GLY A 56 -24.46 -13.34 0.37
C GLY A 56 -23.53 -14.44 0.85
N PRO A 57 -24.05 -15.36 1.68
CA PRO A 57 -23.29 -16.47 2.26
C PRO A 57 -22.48 -17.32 1.28
N GLU A 58 -23.06 -17.63 0.12
CA GLU A 58 -22.35 -18.43 -0.85
C GLU A 58 -21.05 -17.74 -1.30
N TYR A 59 -21.07 -16.41 -1.33
CA TYR A 59 -19.90 -15.64 -1.73
C TYR A 59 -18.78 -15.83 -0.72
N TRP A 60 -19.09 -15.54 0.54
CA TRP A 60 -18.12 -15.66 1.61
C TRP A 60 -17.61 -17.08 1.83
N ASP A 61 -18.49 -18.08 1.68
CA ASP A 61 -18.05 -19.46 1.85
C ASP A 61 -17.08 -19.80 0.73
N GLY A 62 -17.42 -19.36 -0.49
CA GLY A 62 -16.55 -19.63 -1.62
C GLY A 62 -15.22 -18.91 -1.51
N GLU A 63 -15.21 -17.63 -1.16
CA GLU A 63 -13.93 -16.91 -1.07
C GLU A 63 -13.06 -17.48 0.04
N THR A 64 -13.68 -17.92 1.13
CA THR A 64 -12.93 -18.51 2.24
C THR A 64 -12.29 -19.82 1.78
N ARG A 65 -13.07 -20.65 1.10
CA ARG A 65 -12.56 -21.93 0.61
C ARG A 65 -11.37 -21.67 -0.31
N LYS A 66 -11.56 -20.78 -1.28
CA LYS A 66 -10.49 -20.44 -2.20
C LYS A 66 -9.28 -19.81 -1.52
N VAL A 67 -9.50 -18.87 -0.59
CA VAL A 67 -8.31 -18.24 0.00
C VAL A 67 -7.55 -19.25 0.86
N LYS A 68 -8.23 -20.21 1.48
CA LYS A 68 -7.50 -21.19 2.27
C LYS A 68 -6.70 -22.11 1.32
N ALA A 69 -7.24 -22.43 0.16
CA ALA A 69 -6.47 -23.26 -0.80
C ALA A 69 -5.26 -22.44 -1.24
N HIS A 70 -5.41 -21.13 -1.36
CA HIS A 70 -4.28 -20.29 -1.74
C HIS A 70 -3.18 -20.40 -0.66
N SER A 71 -3.55 -20.32 0.61
CA SER A 71 -2.55 -20.38 1.67
C SER A 71 -1.78 -21.71 1.70
N GLN A 72 -2.45 -22.81 1.37
CA GLN A 72 -1.79 -24.11 1.36
C GLN A 72 -0.81 -24.20 0.18
N THR A 73 -1.17 -23.59 -0.94
CA THR A 73 -0.26 -23.58 -2.08
C THR A 73 1.02 -22.84 -1.67
N HIS A 74 0.87 -21.69 -1.02
CA HIS A 74 2.05 -20.93 -0.59
C HIS A 74 2.89 -21.70 0.42
N ARG A 75 2.22 -22.44 1.31
CA ARG A 75 2.91 -23.24 2.31
C ARG A 75 3.81 -24.22 1.57
N VAL A 76 3.24 -24.92 0.59
CA VAL A 76 4.01 -25.88 -0.21
C VAL A 76 5.13 -25.17 -0.96
N ASP A 77 4.81 -24.00 -1.50
CA ASP A 77 5.79 -23.20 -2.24
C ASP A 77 7.01 -22.89 -1.39
N LEU A 78 6.79 -22.45 -0.16
CA LEU A 78 7.93 -22.14 0.71
C LEU A 78 8.85 -23.34 0.83
N GLY A 79 8.26 -24.55 0.89
CA GLY A 79 9.08 -25.75 0.99
C GLY A 79 9.83 -26.00 -0.30
N THR A 80 9.11 -25.90 -1.42
CA THR A 80 9.73 -26.11 -2.73
C THR A 80 10.88 -25.15 -3.01
N LEU A 81 10.68 -23.87 -2.72
CA LEU A 81 11.71 -22.87 -2.96
C LEU A 81 12.91 -23.07 -2.08
N ARG A 82 12.68 -23.50 -0.84
CA ARG A 82 13.78 -23.73 0.09
C ARG A 82 14.73 -24.76 -0.54
N GLY A 83 14.15 -25.77 -1.19
CA GLY A 83 14.95 -26.79 -1.86
C GLY A 83 15.64 -26.21 -3.10
N TYR A 84 14.86 -25.59 -3.98
CA TYR A 84 15.45 -25.01 -5.19
C TYR A 84 16.68 -24.15 -4.87
N TYR A 85 16.58 -23.33 -3.82
CA TYR A 85 17.69 -22.45 -3.45
C TYR A 85 18.66 -23.10 -2.48
N ASN A 86 18.41 -24.36 -2.17
CA ASN A 86 19.26 -25.11 -1.28
C ASN A 86 19.49 -24.31 0.00
N GLN A 87 18.41 -23.95 0.69
CA GLN A 87 18.54 -23.17 1.92
C GLN A 87 18.24 -23.99 3.17
N SER A 88 18.77 -23.53 4.30
CA SER A 88 18.57 -24.20 5.59
C SER A 88 17.11 -24.21 5.98
N GLU A 89 16.72 -25.13 6.85
CA GLU A 89 15.34 -25.19 7.30
C GLU A 89 15.12 -24.32 8.52
N ALA A 90 16.19 -23.74 9.05
CA ALA A 90 16.09 -22.92 10.25
C ALA A 90 15.73 -21.47 9.99
N GLY A 91 15.90 -21.00 8.76
CA GLY A 91 15.59 -19.61 8.48
C GLY A 91 14.18 -19.35 8.01
N SER A 92 13.68 -18.15 8.27
CA SER A 92 12.34 -17.77 7.84
C SER A 92 12.46 -17.13 6.45
N HIS A 93 11.50 -17.44 5.58
CA HIS A 93 11.51 -16.91 4.23
C HIS A 93 10.09 -16.43 3.89
N THR A 94 9.99 -15.68 2.80
CA THR A 94 8.73 -15.07 2.40
C THR A 94 8.36 -15.29 0.95
N VAL A 95 7.12 -15.69 0.68
CA VAL A 95 6.65 -15.78 -0.69
C VAL A 95 5.52 -14.75 -0.83
N GLN A 96 5.53 -14.00 -1.92
CA GLN A 96 4.45 -13.04 -2.18
C GLN A 96 3.90 -13.31 -3.57
N ARG A 97 2.62 -13.04 -3.73
CA ARG A 97 1.94 -13.20 -5.00
C ARG A 97 0.97 -12.04 -5.14
N MET A 98 0.81 -11.56 -6.36
CA MET A 98 -0.15 -10.48 -6.66
C MET A 98 -0.73 -10.79 -8.01
N TYR A 99 -2.05 -10.63 -8.15
CA TYR A 99 -2.67 -10.80 -9.45
C TYR A 99 -3.90 -9.97 -9.57
N GLY A 100 -4.39 -9.81 -10.80
CA GLY A 100 -5.58 -9.01 -10.98
C GLY A 100 -5.74 -8.54 -12.41
N CYS A 101 -6.71 -7.65 -12.60
CA CYS A 101 -7.01 -7.13 -13.91
C CYS A 101 -7.35 -5.66 -13.87
N ASP A 102 -7.21 -5.01 -15.03
CA ASP A 102 -7.52 -3.60 -15.20
C ASP A 102 -8.56 -3.51 -16.31
N VAL A 103 -9.49 -2.57 -16.18
CA VAL A 103 -10.48 -2.32 -17.23
C VAL A 103 -10.12 -0.90 -17.69
N GLY A 104 -10.21 -0.64 -18.99
CA GLY A 104 -9.85 0.67 -19.50
C GLY A 104 -10.98 1.67 -19.32
N SER A 105 -10.79 2.89 -19.84
CA SER A 105 -11.83 3.90 -19.74
C SER A 105 -13.10 3.36 -20.41
N ASP A 106 -12.94 2.51 -21.42
CA ASP A 106 -14.09 1.91 -22.12
C ASP A 106 -14.78 0.83 -21.29
N TRP A 107 -14.26 0.60 -20.09
CA TRP A 107 -14.80 -0.40 -19.16
C TRP A 107 -14.57 -1.82 -19.68
N ARG A 108 -13.72 -1.96 -20.68
CA ARG A 108 -13.40 -3.28 -21.20
C ARG A 108 -12.04 -3.71 -20.67
N PHE A 109 -11.80 -5.01 -20.69
CA PHE A 109 -10.52 -5.57 -20.24
C PHE A 109 -9.39 -4.75 -20.86
N LEU A 110 -8.41 -4.37 -20.04
CA LEU A 110 -7.26 -3.61 -20.50
C LEU A 110 -6.01 -4.48 -20.35
N ARG A 111 -5.83 -5.07 -19.17
CA ARG A 111 -4.69 -5.96 -18.96
C ARG A 111 -4.82 -6.80 -17.71
N GLY A 112 -4.05 -7.89 -17.68
CA GLY A 112 -4.08 -8.80 -16.55
C GLY A 112 -2.68 -8.96 -16.00
N TYR A 113 -2.60 -9.37 -14.74
CA TYR A 113 -1.32 -9.57 -14.09
C TYR A 113 -1.35 -10.81 -13.21
N HIS A 114 -0.18 -11.42 -13.05
CA HIS A 114 0.00 -12.58 -12.19
C HIS A 114 1.50 -12.73 -11.96
N GLN A 115 2.00 -12.22 -10.83
CA GLN A 115 3.42 -12.29 -10.51
C GLN A 115 3.73 -12.79 -9.10
N TYR A 116 4.96 -13.28 -8.95
CA TYR A 116 5.43 -13.92 -7.72
C TYR A 116 6.82 -13.47 -7.31
N ALA A 117 7.05 -13.42 -6.00
CA ALA A 117 8.36 -13.04 -5.46
C ALA A 117 8.77 -13.96 -4.33
N TYR A 118 10.08 -14.15 -4.18
CA TYR A 118 10.61 -14.96 -3.09
C TYR A 118 11.65 -14.06 -2.44
N ASP A 119 11.55 -13.95 -1.12
CA ASP A 119 12.39 -13.07 -0.30
C ASP A 119 12.56 -11.65 -0.84
N GLY A 120 11.45 -11.08 -1.32
CA GLY A 120 11.43 -9.70 -1.78
C GLY A 120 11.97 -9.39 -3.16
N LYS A 121 12.22 -10.43 -3.94
CA LYS A 121 12.72 -10.26 -5.30
C LYS A 121 11.86 -11.01 -6.32
N ASP A 122 11.73 -10.43 -7.51
CA ASP A 122 10.98 -11.07 -8.59
C ASP A 122 11.39 -12.52 -8.70
N TYR A 123 10.39 -13.39 -8.87
CA TYR A 123 10.63 -14.81 -9.04
C TYR A 123 10.10 -15.17 -10.43
N ILE A 124 8.79 -15.15 -10.63
CA ILE A 124 8.25 -15.45 -11.96
C ILE A 124 7.01 -14.56 -12.19
N ALA A 125 6.82 -14.09 -13.41
CA ALA A 125 5.67 -13.24 -13.70
C ALA A 125 5.09 -13.55 -15.06
N LEU A 126 3.77 -13.43 -15.15
CA LEU A 126 3.05 -13.64 -16.40
C LEU A 126 3.27 -12.37 -17.22
N LYS A 127 3.70 -12.52 -18.47
CA LYS A 127 3.90 -11.35 -19.34
C LYS A 127 2.56 -10.75 -19.74
N GLU A 128 2.60 -9.53 -20.27
CA GLU A 128 1.40 -8.81 -20.67
C GLU A 128 0.53 -9.52 -21.71
N ASP A 129 1.14 -10.34 -22.57
CA ASP A 129 0.36 -11.08 -23.57
C ASP A 129 -0.39 -12.22 -22.91
N LEU A 130 -0.13 -12.43 -21.61
CA LEU A 130 -0.78 -13.49 -20.85
C LEU A 130 -0.56 -14.87 -21.47
N ARG A 131 0.56 -15.06 -22.16
CA ARG A 131 0.80 -16.38 -22.75
C ARG A 131 2.18 -16.93 -22.41
N SER A 132 3.10 -16.04 -22.07
CA SER A 132 4.48 -16.43 -21.75
C SER A 132 4.86 -15.93 -20.37
N TRP A 133 5.92 -16.51 -19.81
CA TRP A 133 6.43 -16.18 -18.49
C TRP A 133 7.82 -15.57 -18.45
N THR A 134 8.01 -14.68 -17.47
CA THR A 134 9.32 -14.06 -17.26
C THR A 134 9.88 -14.71 -15.97
N ALA A 135 10.94 -15.51 -16.10
CA ALA A 135 11.57 -16.19 -14.97
C ALA A 135 12.87 -15.46 -14.66
N ALA A 136 13.05 -14.99 -13.42
CA ALA A 136 14.24 -14.23 -13.07
C ALA A 136 15.57 -14.98 -12.90
N ASP A 137 15.51 -16.27 -12.55
CA ASP A 137 16.71 -17.07 -12.36
C ASP A 137 16.40 -18.53 -12.67
N MET A 138 17.34 -19.42 -12.40
CA MET A 138 17.16 -20.82 -12.76
C MET A 138 16.16 -21.60 -11.90
N ALA A 139 15.89 -21.11 -10.68
CA ALA A 139 14.88 -21.77 -9.85
C ALA A 139 13.54 -21.47 -10.56
N ALA A 140 13.34 -20.20 -10.88
CA ALA A 140 12.13 -19.75 -11.57
C ALA A 140 11.98 -20.42 -12.95
N GLN A 141 13.11 -20.71 -13.60
CA GLN A 141 13.08 -21.38 -14.91
C GLN A 141 12.44 -22.77 -14.80
N THR A 142 12.71 -23.48 -13.71
CA THR A 142 12.13 -24.82 -13.53
C THR A 142 10.62 -24.67 -13.35
N THR A 143 10.21 -23.65 -12.61
CA THR A 143 8.78 -23.38 -12.39
C THR A 143 8.16 -23.08 -13.75
N LYS A 144 8.84 -22.24 -14.52
CA LYS A 144 8.35 -21.87 -15.85
C LYS A 144 8.11 -23.11 -16.71
N HIS A 145 9.09 -24.02 -16.76
CA HIS A 145 8.92 -25.23 -17.58
C HIS A 145 7.71 -26.05 -17.15
N LYS A 146 7.50 -26.15 -15.84
CA LYS A 146 6.38 -26.89 -15.29
C LYS A 146 5.04 -26.25 -15.64
N TRP A 147 4.99 -24.93 -15.58
CA TRP A 147 3.75 -24.20 -15.87
C TRP A 147 3.41 -24.18 -17.34
N GLU A 148 4.43 -24.26 -18.20
CA GLU A 148 4.17 -24.30 -19.64
C GLU A 148 3.54 -25.64 -20.00
N ALA A 149 4.07 -26.72 -19.44
CA ALA A 149 3.57 -28.07 -19.69
C ALA A 149 2.16 -28.24 -19.14
N ALA A 150 1.88 -27.61 -18.02
CA ALA A 150 0.56 -27.71 -17.43
C ALA A 150 -0.39 -26.67 -18.03
N HIS A 151 0.11 -25.80 -18.90
CA HIS A 151 -0.68 -24.75 -19.54
C HIS A 151 -1.35 -23.81 -18.55
N VAL A 152 -0.62 -23.43 -17.52
CA VAL A 152 -1.14 -22.53 -16.49
C VAL A 152 -1.55 -21.15 -17.03
N ALA A 153 -0.80 -20.66 -18.00
CA ALA A 153 -1.09 -19.35 -18.58
C ALA A 153 -2.50 -19.32 -19.17
N GLU A 154 -2.87 -20.36 -19.91
CA GLU A 154 -4.19 -20.42 -20.52
C GLU A 154 -5.26 -20.29 -19.44
N GLN A 155 -5.08 -21.03 -18.35
CA GLN A 155 -6.05 -21.00 -17.25
C GLN A 155 -6.17 -19.61 -16.62
N LEU A 156 -5.04 -18.96 -16.40
CA LEU A 156 -5.03 -17.63 -15.80
C LEU A 156 -5.67 -16.62 -16.74
N ARG A 157 -5.29 -16.70 -18.02
CA ARG A 157 -5.83 -15.79 -19.02
C ARG A 157 -7.34 -15.81 -19.02
N ALA A 158 -7.92 -17.00 -18.96
CA ALA A 158 -9.38 -17.17 -18.93
C ALA A 158 -9.98 -16.41 -17.74
N TYR A 159 -9.33 -16.51 -16.59
CA TYR A 159 -9.81 -15.81 -15.38
C TYR A 159 -9.62 -14.30 -15.51
N LEU A 160 -8.41 -13.88 -15.84
CA LEU A 160 -8.08 -12.45 -15.95
C LEU A 160 -8.90 -11.68 -16.98
N GLU A 161 -9.19 -12.30 -18.11
CA GLU A 161 -9.94 -11.64 -19.15
C GLU A 161 -11.44 -11.79 -18.96
N GLY A 162 -11.85 -12.79 -18.18
CA GLY A 162 -13.27 -13.02 -17.99
C GLY A 162 -13.79 -12.75 -16.59
N THR A 163 -13.74 -13.78 -15.76
CA THR A 163 -14.21 -13.69 -14.38
C THR A 163 -13.71 -12.44 -13.64
N CYS A 164 -12.41 -12.19 -13.72
CA CYS A 164 -11.83 -11.04 -13.03
C CYS A 164 -12.54 -9.74 -13.41
N VAL A 165 -12.61 -9.47 -14.71
CA VAL A 165 -13.26 -8.26 -15.20
C VAL A 165 -14.74 -8.20 -14.85
N GLU A 166 -15.42 -9.33 -14.92
CA GLU A 166 -16.86 -9.38 -14.61
C GLU A 166 -17.12 -8.98 -13.16
N TRP A 167 -16.33 -9.51 -12.24
CA TRP A 167 -16.52 -9.17 -10.84
C TRP A 167 -16.07 -7.73 -10.54
N LEU A 168 -14.98 -7.29 -11.19
CA LEU A 168 -14.53 -5.92 -10.98
C LEU A 168 -15.67 -4.94 -11.31
N ARG A 169 -16.32 -5.17 -12.46
CA ARG A 169 -17.44 -4.34 -12.88
C ARG A 169 -18.61 -4.43 -11.87
N ARG A 170 -18.87 -5.64 -11.37
CA ARG A 170 -19.93 -5.80 -10.38
C ARG A 170 -19.61 -4.98 -9.12
N TYR A 171 -18.39 -5.09 -8.61
CA TYR A 171 -18.02 -4.33 -7.42
C TYR A 171 -18.11 -2.84 -7.66
N LEU A 172 -17.63 -2.39 -8.82
CA LEU A 172 -17.66 -0.95 -9.15
C LEU A 172 -19.07 -0.41 -9.10
N GLU A 173 -20.04 -1.20 -9.56
CA GLU A 173 -21.43 -0.76 -9.51
C GLU A 173 -21.97 -0.76 -8.08
N ASN A 174 -21.77 -1.88 -7.39
CA ASN A 174 -22.27 -2.00 -6.01
C ASN A 174 -21.73 -0.93 -5.08
N GLY A 175 -20.46 -0.56 -5.24
CA GLY A 175 -19.92 0.47 -4.37
C GLY A 175 -19.70 1.78 -5.10
N LYS A 176 -20.47 2.01 -6.17
CA LYS A 176 -20.31 3.24 -6.95
C LYS A 176 -20.30 4.56 -6.17
N GLU A 177 -21.02 4.64 -5.07
CA GLU A 177 -21.03 5.91 -4.32
C GLU A 177 -19.63 6.37 -3.93
N THR A 178 -18.74 5.43 -3.67
CA THR A 178 -17.37 5.77 -3.28
C THR A 178 -16.38 5.40 -4.39
N LEU A 179 -16.46 4.17 -4.88
CA LEU A 179 -15.54 3.71 -5.91
C LEU A 179 -15.59 4.50 -7.22
N GLN A 180 -16.73 5.09 -7.58
CA GLN A 180 -16.76 5.83 -8.83
C GLN A 180 -16.80 7.35 -8.59
N ARG A 181 -16.43 7.73 -7.39
CA ARG A 181 -16.38 9.13 -7.02
C ARG A 181 -14.91 9.48 -6.80
N THR A 182 -14.50 10.63 -7.28
CA THR A 182 -13.13 11.08 -7.05
C THR A 182 -13.23 12.18 -6.00
N ASP A 183 -12.27 12.20 -5.07
CA ASP A 183 -12.23 13.22 -4.04
C ASP A 183 -11.02 14.11 -4.39
N ALA A 184 -11.29 15.35 -4.81
CA ALA A 184 -10.25 16.30 -5.20
C ALA A 184 -9.45 16.68 -3.97
N PRO A 185 -8.13 16.84 -4.12
CA PRO A 185 -7.35 17.22 -2.93
C PRO A 185 -7.78 18.56 -2.39
N LYS A 186 -7.82 18.64 -1.07
CA LYS A 186 -8.15 19.88 -0.41
C LYS A 186 -6.77 20.50 -0.19
N THR A 187 -6.53 21.68 -0.76
CA THR A 187 -5.21 22.27 -0.67
C THR A 187 -5.07 23.59 0.05
N HIS A 188 -3.87 23.82 0.60
CA HIS A 188 -3.55 25.07 1.25
C HIS A 188 -2.03 25.14 1.39
N MET A 189 -1.52 26.31 1.75
CA MET A 189 -0.09 26.48 1.92
C MET A 189 0.20 27.05 3.30
N THR A 190 1.31 26.63 3.90
CA THR A 190 1.73 27.15 5.20
C THR A 190 3.10 27.82 5.04
N HIS A 191 3.42 28.74 5.93
CA HIS A 191 4.66 29.52 5.91
C HIS A 191 5.42 29.35 7.23
N HIS A 192 6.72 29.04 7.15
CA HIS A 192 7.53 28.81 8.34
C HIS A 192 8.89 29.51 8.21
N ALA A 193 9.13 30.52 9.04
CA ALA A 193 10.42 31.22 8.97
C ALA A 193 11.53 30.32 9.53
N VAL A 194 12.57 30.08 8.74
CA VAL A 194 13.66 29.23 9.18
C VAL A 194 14.86 30.05 9.66
N SER A 195 14.84 31.34 9.33
CA SER A 195 15.90 32.27 9.73
C SER A 195 15.39 33.67 9.49
N ASP A 196 16.25 34.65 9.70
CA ASP A 196 15.91 36.05 9.49
C ASP A 196 15.75 36.36 8.00
N HIS A 197 16.38 35.56 7.13
CA HIS A 197 16.31 35.83 5.70
C HIS A 197 15.75 34.72 4.82
N GLU A 198 15.31 33.62 5.43
CA GLU A 198 14.77 32.49 4.68
C GLU A 198 13.49 31.95 5.32
N ALA A 199 12.60 31.43 4.48
CA ALA A 199 11.35 30.85 4.95
C ALA A 199 11.02 29.60 4.14
N THR A 200 10.21 28.74 4.75
CA THR A 200 9.80 27.51 4.09
C THR A 200 8.33 27.60 3.76
N LEU A 201 8.00 27.36 2.50
CA LEU A 201 6.61 27.34 2.05
C LEU A 201 6.28 25.86 1.88
N ARG A 202 5.18 25.43 2.48
CA ARG A 202 4.79 24.04 2.34
C ARG A 202 3.39 23.98 1.72
N CYS A 203 3.29 23.24 0.63
CA CYS A 203 2.04 23.08 -0.12
C CYS A 203 1.40 21.75 0.22
N TRP A 204 0.19 21.81 0.80
CA TRP A 204 -0.55 20.62 1.23
C TRP A 204 -1.67 20.16 0.32
N ALA A 205 -1.84 18.84 0.21
CA ALA A 205 -2.91 18.21 -0.57
C ALA A 205 -3.48 17.16 0.38
N LEU A 206 -4.70 17.37 0.83
CA LEU A 206 -5.28 16.49 1.83
C LEU A 206 -6.59 15.85 1.42
N SER A 207 -6.91 14.74 2.07
CA SER A 207 -8.18 14.04 1.85
C SER A 207 -8.52 13.73 0.37
N PHE A 208 -7.54 13.35 -0.45
CA PHE A 208 -7.86 13.04 -1.84
C PHE A 208 -7.97 11.54 -2.14
N TYR A 209 -8.64 11.23 -3.25
CA TYR A 209 -8.84 9.86 -3.73
C TYR A 209 -9.16 9.93 -5.22
N PRO A 210 -8.50 9.09 -6.04
CA PRO A 210 -7.48 8.08 -5.69
C PRO A 210 -6.12 8.63 -5.24
N ALA A 211 -5.17 7.74 -4.95
CA ALA A 211 -3.86 8.13 -4.44
C ALA A 211 -2.96 8.87 -5.41
N GLU A 212 -3.07 8.55 -6.69
CA GLU A 212 -2.23 9.19 -7.72
C GLU A 212 -2.39 10.70 -7.73
N ILE A 213 -1.26 11.40 -7.68
CA ILE A 213 -1.27 12.86 -7.66
C ILE A 213 0.12 13.40 -8.02
N THR A 214 0.19 14.65 -8.45
CA THR A 214 1.47 15.29 -8.75
C THR A 214 1.52 16.68 -8.17
N LEU A 215 2.55 16.96 -7.39
CA LEU A 215 2.73 18.30 -6.82
C LEU A 215 4.05 18.80 -7.37
N THR A 216 4.05 20.01 -7.91
CA THR A 216 5.25 20.59 -8.50
C THR A 216 5.39 22.06 -8.09
N TRP A 217 6.62 22.51 -7.87
CA TRP A 217 6.87 23.91 -7.55
C TRP A 217 7.44 24.63 -8.79
N GLN A 218 7.05 25.88 -8.98
CA GLN A 218 7.59 26.69 -10.06
C GLN A 218 8.04 28.01 -9.45
N ARG A 219 9.11 28.60 -9.99
CA ARG A 219 9.58 29.90 -9.51
C ARG A 219 9.57 30.78 -10.78
N ASP A 220 8.82 31.87 -10.71
CA ASP A 220 8.68 32.76 -11.87
C ASP A 220 8.29 31.98 -13.13
N GLY A 221 7.28 31.14 -12.97
CA GLY A 221 6.78 30.36 -14.10
C GLY A 221 7.62 29.21 -14.60
N GLU A 222 8.66 28.83 -13.86
CA GLU A 222 9.44 27.69 -14.32
C GLU A 222 9.68 26.65 -13.22
N ASP A 223 9.57 25.38 -13.58
CA ASP A 223 9.75 24.28 -12.63
C ASP A 223 11.04 24.40 -11.83
N GLN A 224 10.92 24.20 -10.52
CA GLN A 224 12.06 24.23 -9.64
C GLN A 224 12.10 22.96 -8.80
N THR A 225 13.23 22.28 -8.79
CA THR A 225 13.39 21.07 -7.97
C THR A 225 14.43 21.32 -6.87
N GLN A 226 15.35 22.24 -7.10
CA GLN A 226 16.33 22.53 -6.05
C GLN A 226 15.66 23.21 -4.88
N ASP A 227 16.26 23.09 -3.70
CA ASP A 227 15.71 23.71 -2.51
C ASP A 227 14.29 23.18 -2.18
N THR A 228 13.89 22.04 -2.74
CA THR A 228 12.54 21.50 -2.46
C THR A 228 12.58 20.14 -1.76
N GLU A 229 11.41 19.70 -1.31
CA GLU A 229 11.30 18.39 -0.66
C GLU A 229 9.87 17.91 -0.82
N LEU A 230 9.69 16.67 -1.26
CA LEU A 230 8.33 16.13 -1.41
C LEU A 230 8.24 14.80 -0.70
N VAL A 231 7.25 14.66 0.18
CA VAL A 231 7.09 13.42 0.92
C VAL A 231 6.28 12.43 0.11
N GLU A 232 6.49 11.16 0.44
CA GLU A 232 5.76 10.11 -0.24
C GLU A 232 4.30 10.21 0.15
N THR A 233 3.42 9.91 -0.81
CA THR A 233 1.97 9.95 -0.56
C THR A 233 1.67 8.95 0.57
N ARG A 234 0.81 9.36 1.50
CA ARG A 234 0.50 8.56 2.67
C ARG A 234 -1.01 8.50 2.92
N PRO A 235 -1.48 7.40 3.51
CA PRO A 235 -2.90 7.19 3.82
C PRO A 235 -3.30 8.01 5.03
N ALA A 236 -4.46 8.66 4.94
CA ALA A 236 -4.94 9.45 6.06
C ALA A 236 -5.54 8.50 7.12
N GLY A 237 -5.98 7.33 6.66
CA GLY A 237 -6.57 6.35 7.57
C GLY A 237 -8.08 6.24 7.45
N ASP A 238 -8.69 7.20 6.76
CA ASP A 238 -10.14 7.20 6.56
C ASP A 238 -10.43 6.89 5.09
N GLY A 239 -9.47 6.27 4.42
CA GLY A 239 -9.62 5.91 3.02
C GLY A 239 -9.06 6.92 2.03
N THR A 240 -8.71 8.11 2.50
CA THR A 240 -8.16 9.13 1.61
C THR A 240 -6.65 9.23 1.80
N PHE A 241 -6.02 10.07 1.00
CA PHE A 241 -4.58 10.22 1.05
C PHE A 241 -4.12 11.66 1.23
N GLN A 242 -2.84 11.80 1.59
CA GLN A 242 -2.22 13.08 1.84
C GLN A 242 -0.84 13.12 1.19
N LYS A 243 -0.37 14.34 0.92
CA LYS A 243 0.97 14.58 0.37
C LYS A 243 1.27 16.06 0.54
N TRP A 244 2.56 16.41 0.61
CA TRP A 244 2.96 17.81 0.65
C TRP A 244 4.31 17.97 -0.02
N ALA A 245 4.58 19.19 -0.50
CA ALA A 245 5.85 19.51 -1.11
C ALA A 245 6.25 20.87 -0.54
N ALA A 246 7.53 21.06 -0.22
CA ALA A 246 7.94 22.33 0.36
C ALA A 246 9.16 22.89 -0.37
N VAL A 247 9.36 24.20 -0.24
CA VAL A 247 10.52 24.86 -0.87
C VAL A 247 11.02 25.93 0.09
N VAL A 248 12.33 26.16 0.08
CA VAL A 248 12.94 27.19 0.91
C VAL A 248 13.15 28.38 -0.02
N VAL A 249 12.73 29.55 0.42
CA VAL A 249 12.84 30.75 -0.41
C VAL A 249 13.33 31.93 0.42
N PRO A 250 13.85 32.97 -0.27
CA PRO A 250 14.33 34.18 0.40
C PRO A 250 13.10 34.91 0.95
N SER A 251 13.15 35.27 2.24
CA SER A 251 12.03 35.97 2.87
C SER A 251 11.70 37.20 2.06
N GLY A 252 10.43 37.41 1.77
CA GLY A 252 10.04 38.56 1.00
C GLY A 252 9.83 38.26 -0.47
N GLN A 253 10.35 37.12 -0.92
CA GLN A 253 10.20 36.72 -2.32
C GLN A 253 9.15 35.60 -2.52
N GLU A 254 8.35 35.32 -1.48
CA GLU A 254 7.34 34.26 -1.54
C GLU A 254 6.43 34.28 -2.76
N GLN A 255 6.06 35.47 -3.21
CA GLN A 255 5.18 35.66 -4.37
C GLN A 255 5.62 35.07 -5.70
N ARG A 256 6.92 34.85 -5.87
CA ARG A 256 7.44 34.29 -7.12
C ARG A 256 7.17 32.80 -7.25
N TYR A 257 6.86 32.15 -6.14
CA TYR A 257 6.65 30.71 -6.13
C TYR A 257 5.21 30.24 -6.20
N THR A 258 4.96 29.22 -7.01
CA THR A 258 3.61 28.68 -7.14
C THR A 258 3.65 27.16 -7.03
N CYS A 259 2.66 26.61 -6.36
CA CYS A 259 2.55 25.17 -6.19
C CYS A 259 1.49 24.69 -7.19
N HIS A 260 1.81 23.65 -7.95
CA HIS A 260 0.88 23.15 -8.94
C HIS A 260 0.40 21.76 -8.58
N VAL A 261 -0.91 21.55 -8.60
CA VAL A 261 -1.53 20.26 -8.23
C VAL A 261 -2.35 19.64 -9.33
N GLN A 262 -1.93 18.43 -9.73
CA GLN A 262 -2.63 17.69 -10.78
C GLN A 262 -3.23 16.45 -10.12
N HIS A 263 -4.51 16.20 -10.39
CA HIS A 263 -5.20 15.06 -9.82
C HIS A 263 -6.43 14.79 -10.70
N GLU A 264 -6.81 13.52 -10.80
CA GLU A 264 -7.97 13.10 -11.59
C GLU A 264 -9.25 13.81 -11.16
N GLY A 265 -9.31 14.18 -9.88
CA GLY A 265 -10.48 14.85 -9.36
C GLY A 265 -10.58 16.33 -9.68
N LEU A 266 -9.56 16.87 -10.34
CA LEU A 266 -9.52 18.29 -10.71
C LEU A 266 -9.65 18.51 -12.23
N PRO A 267 -10.78 19.06 -12.68
CA PRO A 267 -10.99 19.31 -14.12
C PRO A 267 -9.78 19.98 -14.76
N LYS A 268 -9.16 20.88 -13.99
CA LYS A 268 -7.98 21.60 -14.43
C LYS A 268 -7.04 21.64 -13.24
N PRO A 269 -5.73 21.53 -13.48
CA PRO A 269 -4.80 21.57 -12.34
C PRO A 269 -4.95 22.86 -11.54
N LEU A 270 -4.71 22.78 -10.24
CA LEU A 270 -4.80 23.95 -9.36
C LEU A 270 -3.42 24.61 -9.22
N THR A 271 -3.42 25.92 -8.98
CA THR A 271 -2.17 26.68 -8.79
C THR A 271 -2.31 27.44 -7.48
N LEU A 272 -1.37 27.25 -6.56
CA LEU A 272 -1.44 27.97 -5.29
C LEU A 272 -0.25 28.92 -5.18
N ARG A 273 -0.46 30.06 -4.51
CA ARG A 273 0.60 31.07 -4.32
C ARG A 273 0.41 31.64 -2.92
N TRP A 274 1.51 31.92 -2.24
CA TRP A 274 1.43 32.46 -0.88
C TRP A 274 0.77 33.82 -0.83
N GLU A 275 -0.07 33.99 0.19
CA GLU A 275 -0.80 35.21 0.46
C GLU A 275 0.08 36.45 0.36
N ILE B 1 16.32 -10.52 -0.03
CA ILE B 1 16.94 -9.19 0.30
C ILE B 1 16.25 -8.53 1.46
N GLN B 2 16.91 -7.52 2.02
CA GLN B 2 16.38 -6.75 3.13
C GLN B 2 16.28 -5.30 2.70
N ARG B 3 15.28 -4.60 3.23
CA ARG B 3 15.03 -3.20 2.90
C ARG B 3 14.60 -2.49 4.18
N THR B 4 15.23 -1.36 4.47
CA THR B 4 14.95 -0.62 5.69
C THR B 4 13.68 0.23 5.58
N PRO B 5 12.89 0.32 6.66
CA PRO B 5 11.66 1.11 6.62
C PRO B 5 11.78 2.62 6.55
N LYS B 6 10.88 3.21 5.78
CA LYS B 6 10.77 4.65 5.68
C LYS B 6 9.71 4.90 6.75
N ILE B 7 9.75 6.07 7.38
CA ILE B 7 8.80 6.37 8.45
C ILE B 7 8.21 7.76 8.37
N GLN B 8 6.89 7.90 8.56
CA GLN B 8 6.28 9.22 8.63
C GLN B 8 5.30 9.22 9.81
N VAL B 9 5.39 10.24 10.67
CA VAL B 9 4.49 10.36 11.82
C VAL B 9 3.70 11.64 11.58
N TYR B 10 2.36 11.55 11.65
CA TYR B 10 1.50 12.69 11.38
C TYR B 10 0.10 12.44 11.91
N SER B 11 -0.75 13.46 11.89
CA SER B 11 -2.13 13.32 12.36
C SER B 11 -3.07 13.22 11.14
N ARG B 12 -4.21 12.56 11.32
CA ARG B 12 -5.13 12.45 10.21
C ARG B 12 -5.68 13.84 9.82
N HIS B 13 -5.99 14.66 10.82
CA HIS B 13 -6.55 16.01 10.56
C HIS B 13 -5.64 17.09 11.11
N PRO B 14 -5.79 18.34 10.64
CA PRO B 14 -4.96 19.43 11.12
C PRO B 14 -4.97 19.40 12.65
N ALA B 15 -3.79 19.48 13.24
CA ALA B 15 -3.70 19.43 14.67
C ALA B 15 -4.20 20.71 15.35
N GLU B 16 -5.00 20.53 16.38
CA GLU B 16 -5.51 21.65 17.16
C GLU B 16 -5.76 21.16 18.57
N ASN B 17 -5.07 21.79 19.51
CA ASN B 17 -5.15 21.42 20.91
C ASN B 17 -6.58 21.30 21.37
N GLY B 18 -6.84 20.26 22.17
CA GLY B 18 -8.16 20.03 22.70
C GLY B 18 -9.12 19.30 21.78
N LYS B 19 -8.81 19.20 20.49
CA LYS B 19 -9.72 18.52 19.57
C LYS B 19 -9.28 17.12 19.17
N SER B 20 -10.16 16.14 19.42
CA SER B 20 -9.92 14.73 19.12
C SER B 20 -9.39 14.54 17.68
N ASN B 21 -8.43 13.65 17.52
CA ASN B 21 -7.79 13.43 16.21
C ASN B 21 -7.26 12.00 16.17
N PHE B 22 -6.43 11.69 15.19
CA PHE B 22 -5.84 10.36 15.07
C PHE B 22 -4.37 10.55 14.76
N LEU B 23 -3.54 9.82 15.49
CA LEU B 23 -2.09 9.89 15.33
C LEU B 23 -1.65 8.67 14.51
N ASN B 24 -0.99 8.92 13.38
CA ASN B 24 -0.53 7.87 12.46
C ASN B 24 0.97 7.68 12.39
N CYS B 25 1.38 6.43 12.14
CA CYS B 25 2.78 6.11 11.91
C CYS B 25 2.72 5.19 10.69
N TYR B 26 3.16 5.71 9.55
CA TYR B 26 3.15 4.98 8.30
C TYR B 26 4.55 4.47 8.03
N VAL B 27 4.69 3.16 7.98
CA VAL B 27 6.00 2.58 7.70
C VAL B 27 5.88 1.89 6.35
N SER B 28 6.86 2.09 5.49
CA SER B 28 6.82 1.51 4.15
C SER B 28 8.22 1.24 3.59
N GLY B 29 8.28 0.57 2.44
CA GLY B 29 9.56 0.26 1.80
C GLY B 29 10.43 -0.79 2.48
N PHE B 30 9.86 -1.54 3.42
CA PHE B 30 10.64 -2.54 4.12
C PHE B 30 10.45 -4.01 3.69
N HIS B 31 11.42 -4.83 4.09
CA HIS B 31 11.40 -6.25 3.82
C HIS B 31 12.50 -6.83 4.74
N PRO B 32 12.23 -7.94 5.45
CA PRO B 32 10.99 -8.74 5.48
C PRO B 32 9.86 -7.99 6.20
N SER B 33 8.68 -8.59 6.23
CA SER B 33 7.49 -7.97 6.83
C SER B 33 7.45 -7.85 8.35
N ASP B 34 8.20 -8.68 9.06
CA ASP B 34 8.18 -8.60 10.52
C ASP B 34 8.77 -7.25 10.93
N ILE B 35 8.05 -6.53 11.79
CA ILE B 35 8.46 -5.20 12.20
C ILE B 35 7.74 -4.88 13.52
N GLU B 36 8.35 -4.05 14.35
CA GLU B 36 7.77 -3.65 15.63
C GLU B 36 7.54 -2.15 15.59
N VAL B 37 6.28 -1.73 15.69
CA VAL B 37 5.96 -0.30 15.65
C VAL B 37 5.14 0.11 16.87
N ASP B 38 5.62 1.13 17.59
CA ASP B 38 4.91 1.64 18.75
C ASP B 38 4.74 3.13 18.67
N LEU B 39 3.60 3.61 19.14
CA LEU B 39 3.31 5.04 19.17
C LEU B 39 3.57 5.41 20.62
N LEU B 40 4.28 6.51 20.84
CA LEU B 40 4.59 6.92 22.20
C LEU B 40 3.94 8.24 22.63
N LYS B 41 3.64 8.33 23.92
CA LYS B 41 3.08 9.55 24.51
C LYS B 41 4.02 9.90 25.66
N ASN B 42 4.80 10.97 25.50
CA ASN B 42 5.74 11.39 26.51
C ASN B 42 6.68 10.25 26.91
N GLY B 43 7.25 9.58 25.92
CA GLY B 43 8.17 8.49 26.18
C GLY B 43 7.55 7.13 26.45
N GLU B 44 6.28 7.09 26.78
CA GLU B 44 5.59 5.83 27.09
C GLU B 44 4.72 5.29 25.96
N ARG B 45 4.74 3.96 25.83
CA ARG B 45 3.98 3.26 24.80
C ARG B 45 2.47 3.35 25.01
N ILE B 46 1.72 3.56 23.92
CA ILE B 46 0.27 3.64 23.98
C ILE B 46 -0.27 2.24 23.66
N GLU B 47 -1.23 1.76 24.45
CA GLU B 47 -1.81 0.42 24.30
C GLU B 47 -2.88 0.24 23.23
N LYS B 48 -3.79 1.20 23.13
CA LYS B 48 -4.86 1.08 22.14
C LYS B 48 -4.44 1.46 20.72
N VAL B 49 -3.39 0.82 20.21
CA VAL B 49 -2.93 1.12 18.86
C VAL B 49 -3.34 0.01 17.92
N GLU B 50 -3.84 0.38 16.74
CA GLU B 50 -4.23 -0.60 15.73
C GLU B 50 -3.36 -0.42 14.47
N HIS B 51 -3.49 -1.34 13.52
CA HIS B 51 -2.74 -1.23 12.28
C HIS B 51 -3.50 -1.86 11.11
N SER B 52 -3.17 -1.40 9.92
CA SER B 52 -3.79 -1.89 8.70
C SER B 52 -3.33 -3.30 8.37
N ASP B 53 -4.04 -3.96 7.44
CA ASP B 53 -3.65 -5.30 7.00
C ASP B 53 -2.44 -5.21 6.06
N LEU B 54 -1.46 -6.06 6.31
CA LEU B 54 -0.23 -6.11 5.52
C LEU B 54 -0.42 -6.15 4.02
N SER B 55 0.19 -5.18 3.34
CA SER B 55 0.12 -5.13 1.91
C SER B 55 1.51 -4.72 1.44
N PHE B 56 1.69 -4.65 0.12
CA PHE B 56 3.00 -4.31 -0.41
C PHE B 56 2.89 -3.61 -1.74
N SER B 57 3.97 -2.93 -2.14
CA SER B 57 4.01 -2.18 -3.37
C SER B 57 4.53 -2.96 -4.56
N LYS B 58 4.57 -2.29 -5.72
CA LYS B 58 5.03 -2.91 -6.97
C LYS B 58 6.40 -3.60 -6.84
N ASP B 59 7.32 -3.00 -6.09
CA ASP B 59 8.66 -3.57 -5.89
C ASP B 59 8.72 -4.63 -4.79
N TRP B 60 7.54 -5.07 -4.33
CA TRP B 60 7.39 -6.08 -3.28
C TRP B 60 7.64 -5.63 -1.83
N SER B 61 8.10 -4.40 -1.63
CA SER B 61 8.33 -3.92 -0.27
C SER B 61 6.99 -3.67 0.44
N PHE B 62 6.97 -3.92 1.74
CA PHE B 62 5.76 -3.81 2.56
C PHE B 62 5.42 -2.43 3.08
N TYR B 63 4.14 -2.23 3.40
CA TYR B 63 3.69 -0.99 4.04
C TYR B 63 2.56 -1.28 5.02
N LEU B 64 2.58 -0.53 6.13
CA LEU B 64 1.57 -0.65 7.20
C LEU B 64 1.30 0.71 7.84
N LEU B 65 0.05 0.93 8.22
CA LEU B 65 -0.32 2.15 8.90
C LEU B 65 -0.73 1.80 10.33
N TYR B 66 -0.02 2.38 11.31
CA TYR B 66 -0.35 2.17 12.72
C TYR B 66 -1.04 3.45 13.16
N TYR B 67 -2.10 3.33 13.97
CA TYR B 67 -2.83 4.51 14.36
C TYR B 67 -3.57 4.41 15.69
N THR B 68 -3.80 5.58 16.29
CA THR B 68 -4.54 5.63 17.54
C THR B 68 -5.26 6.97 17.67
N GLU B 69 -6.37 6.95 18.39
CA GLU B 69 -7.16 8.14 18.63
C GLU B 69 -6.39 8.91 19.68
N PHE B 70 -6.33 10.23 19.56
CA PHE B 70 -5.64 11.06 20.55
C PHE B 70 -6.09 12.51 20.47
N THR B 71 -5.84 13.26 21.54
CA THR B 71 -6.20 14.67 21.58
C THR B 71 -4.93 15.44 21.91
N PRO B 72 -4.35 16.15 20.93
CA PRO B 72 -3.12 16.93 21.10
C PRO B 72 -3.19 18.11 22.08
N THR B 73 -2.05 18.40 22.70
CA THR B 73 -1.95 19.53 23.62
C THR B 73 -0.65 20.25 23.31
N GLU B 74 -0.46 21.43 23.91
CA GLU B 74 0.75 22.20 23.67
C GLU B 74 1.95 21.54 24.33
N LYS B 75 1.70 20.76 25.38
CA LYS B 75 2.77 20.09 26.13
C LYS B 75 3.11 18.67 25.70
N ASP B 76 2.14 17.77 25.77
CA ASP B 76 2.37 16.37 25.41
C ASP B 76 3.18 16.20 24.12
N GLU B 77 4.10 15.25 24.14
CA GLU B 77 4.95 14.96 22.99
C GLU B 77 4.60 13.57 22.45
N TYR B 78 4.61 13.42 21.13
CA TYR B 78 4.26 12.15 20.53
C TYR B 78 5.36 11.70 19.57
N ALA B 79 5.50 10.40 19.41
CA ALA B 79 6.51 9.86 18.52
C ALA B 79 6.20 8.42 18.13
N CYS B 80 6.94 7.92 17.17
CA CYS B 80 6.78 6.56 16.69
C CYS B 80 8.11 5.83 16.84
N ARG B 81 8.09 4.67 17.48
CA ARG B 81 9.30 3.89 17.68
C ARG B 81 9.24 2.67 16.78
N VAL B 82 10.24 2.52 15.91
CA VAL B 82 10.27 1.40 14.97
C VAL B 82 11.52 0.55 15.10
N ASN B 83 11.34 -0.76 15.10
CA ASN B 83 12.48 -1.67 15.17
C ASN B 83 12.30 -2.69 14.03
N HIS B 84 13.39 -3.00 13.35
CA HIS B 84 13.37 -3.94 12.22
C HIS B 84 14.73 -4.60 12.12
N VAL B 85 14.78 -5.77 11.49
CA VAL B 85 16.05 -6.50 11.37
C VAL B 85 17.14 -5.64 10.76
N THR B 86 16.76 -4.70 9.89
CA THR B 86 17.73 -3.83 9.27
C THR B 86 18.25 -2.72 10.20
N LEU B 87 17.65 -2.56 11.37
CA LEU B 87 18.08 -1.50 12.28
C LEU B 87 18.91 -1.97 13.48
N SER B 88 20.08 -1.37 13.68
CA SER B 88 20.96 -1.72 14.80
C SER B 88 20.23 -1.47 16.11
N GLN B 89 19.47 -0.37 16.14
CA GLN B 89 18.70 -0.01 17.32
C GLN B 89 17.37 0.59 16.89
N PRO B 90 16.37 0.60 17.79
CA PRO B 90 15.06 1.17 17.45
C PRO B 90 15.18 2.60 16.96
N LYS B 91 14.40 2.94 15.94
CA LYS B 91 14.42 4.29 15.39
C LYS B 91 13.24 5.08 15.95
N ILE B 92 13.50 6.29 16.46
CA ILE B 92 12.45 7.13 17.03
C ILE B 92 12.20 8.35 16.14
N VAL B 93 10.95 8.58 15.77
CA VAL B 93 10.60 9.73 14.95
C VAL B 93 9.55 10.53 15.72
N LYS B 94 9.87 11.77 16.06
CA LYS B 94 8.95 12.60 16.82
C LYS B 94 7.88 13.20 15.91
N TRP B 95 6.68 13.35 16.46
CA TRP B 95 5.61 13.94 15.70
C TRP B 95 5.82 15.45 15.64
N ASP B 96 5.73 16.00 14.42
CA ASP B 96 5.85 17.44 14.20
C ASP B 96 4.52 17.86 13.58
N ARG B 97 3.81 18.77 14.25
CA ARG B 97 2.52 19.26 13.75
C ARG B 97 2.55 19.79 12.33
N ASP B 98 3.67 20.40 11.95
CA ASP B 98 3.78 20.98 10.62
C ASP B 98 4.24 20.02 9.52
N MET B 99 4.25 18.72 9.81
CA MET B 99 4.70 17.74 8.80
C MET B 99 3.80 16.52 8.63
N SER C 1 -13.48 -11.19 -6.76
CA SER C 1 -13.52 -12.67 -6.59
C SER C 1 -12.20 -13.32 -6.97
N LEU C 2 -11.71 -14.16 -6.06
CA LEU C 2 -10.45 -14.88 -6.22
C LEU C 2 -10.45 -15.91 -7.35
N TYR C 3 -9.26 -16.20 -7.85
CA TYR C 3 -9.08 -17.18 -8.91
C TYR C 3 -9.42 -18.55 -8.29
N ASN C 4 -9.85 -19.49 -9.11
CA ASN C 4 -10.23 -20.79 -8.59
C ASN C 4 -9.13 -21.81 -8.39
N VAL C 5 -8.20 -21.93 -9.32
CA VAL C 5 -7.13 -22.91 -9.18
C VAL C 5 -5.77 -22.26 -8.96
N VAL C 6 -4.95 -22.86 -8.08
CA VAL C 6 -3.63 -22.34 -7.77
C VAL C 6 -2.55 -23.43 -8.01
N ALA C 7 -1.71 -23.22 -9.01
CA ALA C 7 -0.65 -24.17 -9.32
C ALA C 7 0.57 -23.91 -8.43
N THR C 8 1.28 -24.97 -8.05
CA THR C 8 2.45 -24.82 -7.19
C THR C 8 3.72 -24.53 -7.99
N LEU C 9 4.65 -23.80 -7.38
CA LEU C 9 5.92 -23.45 -8.04
C LEU C 9 6.80 -24.67 -8.23
#